data_4CR9
#
_entry.id   4CR9
#
_cell.length_a   120.990
_cell.length_b   120.990
_cell.length_c   120.990
_cell.angle_alpha   90.00
_cell.angle_beta   90.00
_cell.angle_gamma   90.00
#
_symmetry.space_group_name_H-M   'I 2 3'
#
loop_
_entity.id
_entity.type
_entity.pdbx_description
1 polymer 'COAGULATION FACTOR XI'
2 non-polymer 4-methylquinoline-2,6-diamine
3 non-polymer 'SULFATE ION'
4 water water
#
_entity_poly.entity_id   1
_entity_poly.type   'polypeptide(L)'
_entity_poly.pdbx_seq_one_letter_code
;IVGGTASVRGEWPWQVTLHTTSPTQRHLCGGSIIGNQWILTAAHCFYGVESPKILRVYSGILNQAEIAEDTSFFGVQEII
IHDQYKMAESGYDIALLKLETTVNYADSQRPISLPSKGDRNVIYTDCWVTGWGYRKLRDKIQNTLQKAKIPLVTNEECQK
RYRGHKITHKMICAGYREGGKDACKGDSGGPLSCKHNEVWHLVGITSWGEGCAQRERPGVYTNVVEYVDWILEKTQAV
;
_entity_poly.pdbx_strand_id   A
#
loop_
_chem_comp.id
_chem_comp.type
_chem_comp.name
_chem_comp.formula
OTW non-polymer 4-methylquinoline-2,6-diamine 'C10 H11 N3'
SO4 non-polymer 'SULFATE ION' 'O4 S -2'
#
# COMPACT_ATOMS: atom_id res chain seq x y z
N ILE A 1 7.78 5.02 -6.91
CA ILE A 1 7.99 3.81 -7.78
C ILE A 1 9.20 4.02 -8.67
N VAL A 2 10.15 3.09 -8.60
CA VAL A 2 11.34 3.11 -9.44
C VAL A 2 11.06 2.28 -10.69
N GLY A 3 11.45 2.80 -11.85
CA GLY A 3 11.35 2.09 -13.12
C GLY A 3 9.94 1.82 -13.62
N GLY A 4 9.00 2.63 -13.15
CA GLY A 4 7.59 2.47 -13.49
C GLY A 4 7.20 3.37 -14.64
N THR A 5 5.91 3.35 -14.96
CA THR A 5 5.34 4.22 -15.98
C THR A 5 4.05 4.82 -15.47
N ALA A 6 3.60 5.87 -16.14
CA ALA A 6 2.36 6.57 -15.79
C ALA A 6 1.17 5.65 -15.95
N SER A 7 0.28 5.65 -14.97
CA SER A 7 -0.94 4.87 -15.02
C SER A 7 -1.99 5.52 -15.94
N VAL A 8 -2.90 4.69 -16.44
CA VAL A 8 -4.11 5.16 -17.10
C VAL A 8 -5.06 5.61 -15.99
N ARG A 9 -5.74 6.74 -16.20
CA ARG A 9 -6.71 7.21 -15.21
C ARG A 9 -7.67 6.10 -14.81
N GLY A 10 -7.77 5.87 -13.51
CA GLY A 10 -8.70 4.93 -12.92
C GLY A 10 -8.42 3.46 -13.13
N GLU A 11 -7.24 3.10 -13.60
CA GLU A 11 -6.92 1.68 -13.76
C GLU A 11 -6.58 1.00 -12.43
N TRP A 12 -6.35 1.80 -11.40
CA TRP A 12 -6.15 1.32 -10.03
C TRP A 12 -7.16 1.99 -9.09
N PRO A 13 -8.46 1.70 -9.26
CA PRO A 13 -9.48 2.51 -8.58
C PRO A 13 -9.59 2.29 -7.07
N TRP A 14 -8.90 1.28 -6.54
CA TRP A 14 -8.79 1.09 -5.08
C TRP A 14 -7.68 1.94 -4.47
N GLN A 15 -6.77 2.43 -5.30
CA GLN A 15 -5.64 3.23 -4.81
C GLN A 15 -6.09 4.63 -4.35
N VAL A 16 -5.76 4.94 -3.09
CA VAL A 16 -5.92 6.29 -2.56
C VAL A 16 -4.57 6.92 -2.24
N THR A 17 -4.58 8.25 -2.15
CA THR A 17 -3.47 9.01 -1.59
C THR A 17 -3.92 9.59 -0.26
N LEU A 18 -3.15 9.28 0.78
CA LEU A 18 -3.41 9.75 2.13
C LEU A 18 -2.53 10.97 2.33
N HIS A 19 -3.15 12.11 2.60
CA HIS A 19 -2.43 13.35 2.92
C HIS A 19 -2.47 13.68 4.40
N THR A 20 -1.43 14.35 4.85
CA THR A 20 -1.47 15.00 6.14
C THR A 20 -1.56 16.50 5.89
N THR A 21 -2.25 17.22 6.78
CA THR A 21 -2.40 18.66 6.63
C THR A 21 -1.36 19.44 7.44
N SER A 22 -0.56 18.71 8.23
CA SER A 22 0.40 19.31 9.16
C SER A 22 1.85 19.10 8.72
N PRO A 23 2.65 20.17 8.66
CA PRO A 23 2.31 21.58 8.93
C PRO A 23 1.54 22.23 7.79
N THR A 24 1.87 21.83 6.56
CA THR A 24 1.09 22.16 5.38
C THR A 24 0.78 20.87 4.64
N GLN A 25 -0.15 20.92 3.71
CA GLN A 25 -0.68 19.68 3.14
C GLN A 25 0.30 19.02 2.18
N ARG A 26 0.46 17.70 2.34
CA ARG A 26 1.32 16.91 1.48
C ARG A 26 0.87 15.46 1.50
N HIS A 27 1.17 14.75 0.42
CA HIS A 27 1.05 13.30 0.38
C HIS A 27 1.90 12.65 1.46
N LEU A 28 1.30 11.71 2.19
CA LEU A 28 2.02 10.95 3.21
C LEU A 28 2.27 9.51 2.75
N CYS A 29 1.23 8.85 2.27
CA CYS A 29 1.29 7.42 1.99
C CYS A 29 0.21 7.01 1.02
N GLY A 30 0.38 5.81 0.45
CA GLY A 30 -0.68 5.16 -0.30
C GLY A 30 -1.61 4.38 0.64
N GLY A 31 -2.68 3.86 0.05
CA GLY A 31 -3.64 3.02 0.75
C GLY A 31 -4.58 2.39 -0.27
N SER A 32 -5.38 1.43 0.18
CA SER A 32 -6.33 0.72 -0.68
C SER A 32 -7.73 0.71 -0.08
N ILE A 33 -8.72 1.06 -0.90
CA ILE A 33 -10.13 0.92 -0.53
C ILE A 33 -10.47 -0.58 -0.43
N ILE A 34 -10.90 -1.03 0.74
CA ILE A 34 -11.33 -2.41 0.91
C ILE A 34 -12.77 -2.56 1.40
N GLY A 35 -13.40 -1.44 1.77
CA GLY A 35 -14.80 -1.40 2.21
C GLY A 35 -15.32 0.00 2.04
N ASN A 36 -16.63 0.21 2.16
CA ASN A 36 -17.23 1.53 1.91
CA ASN A 36 -17.19 1.54 1.87
C ASN A 36 -16.74 2.60 2.88
N GLN A 37 -16.26 2.17 4.05
CA GLN A 37 -15.75 3.07 5.07
C GLN A 37 -14.30 2.74 5.47
N TRP A 38 -13.59 1.93 4.69
CA TRP A 38 -12.33 1.33 5.15
C TRP A 38 -11.20 1.39 4.14
N ILE A 39 -10.08 1.96 4.58
CA ILE A 39 -8.82 1.94 3.83
C ILE A 39 -7.82 1.03 4.54
N LEU A 40 -7.15 0.16 3.81
CA LEU A 40 -6.08 -0.65 4.36
C LEU A 40 -4.74 -0.04 3.93
N THR A 41 -3.85 0.15 4.89
CA THR A 41 -2.57 0.81 4.63
C THR A 41 -1.48 0.29 5.58
N ALA A 42 -0.33 0.96 5.66
CA ALA A 42 0.79 0.50 6.49
C ALA A 42 0.82 1.24 7.83
N ALA A 43 1.03 0.50 8.90
CA ALA A 43 1.13 1.08 10.24
C ALA A 43 2.23 2.13 10.36
N HIS A 44 3.35 1.91 9.67
CA HIS A 44 4.50 2.81 9.82
C HIS A 44 4.24 4.22 9.28
N CYS A 45 3.23 4.36 8.42
CA CYS A 45 2.80 5.66 7.92
C CYS A 45 2.40 6.66 9.03
N PHE A 46 2.08 6.15 10.21
CA PHE A 46 1.52 7.01 11.26
C PHE A 46 2.52 7.40 12.36
N TYR A 47 3.79 7.20 12.07
CA TYR A 47 4.85 7.65 12.95
C TYR A 47 4.66 9.14 13.24
N GLY A 48 4.54 9.49 14.51
CA GLY A 48 4.36 10.88 14.90
C GLY A 48 3.00 11.51 14.58
N VAL A 49 2.06 10.71 14.08
CA VAL A 49 0.70 11.19 13.83
C VAL A 49 -0.08 11.01 15.12
N GLU A 50 -0.48 12.10 15.76
CA GLU A 50 -1.08 12.03 17.10
C GLU A 50 -2.61 12.05 17.06
N SER A 51 -3.16 12.39 15.91
CA SER A 51 -4.61 12.51 15.75
C SER A 51 -5.04 12.24 14.31
N PRO A 52 -6.20 11.58 14.12
CA PRO A 52 -6.70 11.38 12.75
C PRO A 52 -7.23 12.68 12.11
N LYS A 53 -7.36 13.74 12.90
CA LYS A 53 -7.89 15.02 12.40
C LYS A 53 -7.04 15.66 11.32
N ILE A 54 -5.74 15.36 11.31
CA ILE A 54 -4.84 15.93 10.31
C ILE A 54 -4.77 15.13 9.02
N LEU A 55 -5.57 14.06 8.90
CA LEU A 55 -5.52 13.18 7.72
C LEU A 55 -6.65 13.45 6.74
N ARG A 56 -6.33 13.33 5.45
CA ARG A 56 -7.33 13.41 4.38
C ARG A 56 -7.06 12.28 3.40
N VAL A 57 -8.12 11.54 3.05
CA VAL A 57 -8.03 10.48 2.06
C VAL A 57 -8.67 10.93 0.77
N TYR A 58 -7.91 10.90 -0.31
CA TYR A 58 -8.39 11.26 -1.65
C TYR A 58 -8.48 10.02 -2.52
N SER A 59 -9.68 9.78 -3.04
CA SER A 59 -9.96 8.69 -3.96
C SER A 59 -10.13 9.25 -5.37
N GLY A 60 -9.98 8.37 -6.35
CA GLY A 60 -10.21 8.70 -7.76
C GLY A 60 -9.19 9.67 -8.33
N ILE A 61 -7.96 9.59 -7.83
CA ILE A 61 -6.90 10.52 -8.24
C ILE A 61 -5.91 9.83 -9.16
N LEU A 62 -5.56 10.50 -10.26
CA LEU A 62 -4.41 10.09 -11.07
C LEU A 62 -3.20 10.99 -10.76
N ASN A 63 -3.41 12.29 -10.90
CA ASN A 63 -2.39 13.30 -10.67
C ASN A 63 -2.58 14.05 -9.35
N GLN A 64 -1.50 14.22 -8.60
CA GLN A 64 -1.55 15.03 -7.37
C GLN A 64 -2.04 16.44 -7.67
N ALA A 65 -1.79 16.94 -8.88
CA ALA A 65 -2.26 18.27 -9.32
C ALA A 65 -3.79 18.43 -9.26
N GLU A 66 -4.53 17.32 -9.26
CA GLU A 66 -5.98 17.34 -9.07
C GLU A 66 -6.40 17.80 -7.69
N ILE A 67 -5.51 17.65 -6.71
CA ILE A 67 -5.80 17.98 -5.32
C ILE A 67 -5.54 19.45 -5.01
N ALA A 68 -6.63 20.18 -4.76
CA ALA A 68 -6.55 21.58 -4.37
C ALA A 68 -7.41 21.79 -3.12
N GLU A 69 -7.44 23.02 -2.59
CA GLU A 69 -8.19 23.29 -1.38
CA GLU A 69 -8.24 23.37 -1.40
C GLU A 69 -9.69 22.95 -1.59
N ASP A 70 -10.15 23.03 -2.83
CA ASP A 70 -11.55 22.77 -3.18
C ASP A 70 -11.87 21.33 -3.64
N THR A 71 -10.90 20.43 -3.52
CA THR A 71 -11.11 19.03 -3.95
C THR A 71 -11.75 18.24 -2.82
N SER A 72 -12.74 17.41 -3.14
CA SER A 72 -13.40 16.62 -2.13
C SER A 72 -12.48 15.51 -1.62
N PHE A 73 -12.66 15.19 -0.34
CA PHE A 73 -11.85 14.17 0.32
C PHE A 73 -12.67 13.47 1.41
N PHE A 74 -12.12 12.39 1.95
CA PHE A 74 -12.72 11.69 3.07
C PHE A 74 -11.91 11.94 4.32
N GLY A 75 -12.60 12.38 5.37
CA GLY A 75 -11.98 12.48 6.69
C GLY A 75 -11.76 11.12 7.32
N VAL A 76 -10.87 11.07 8.29
CA VAL A 76 -10.56 9.84 9.02
C VAL A 76 -11.13 9.95 10.43
N GLN A 77 -11.99 9.00 10.77
CA GLN A 77 -12.61 8.92 12.07
C GLN A 77 -11.73 8.18 13.07
N GLU A 78 -11.01 7.18 12.59
CA GLU A 78 -10.17 6.34 13.46
C GLU A 78 -9.03 5.69 12.70
N ILE A 79 -7.87 5.68 13.36
CA ILE A 79 -6.70 4.93 12.89
C ILE A 79 -6.60 3.69 13.77
N ILE A 80 -6.57 2.52 13.12
CA ILE A 80 -6.42 1.24 13.81
C ILE A 80 -5.10 0.59 13.42
N ILE A 81 -4.15 0.59 14.36
CA ILE A 81 -2.83 0.02 14.15
C ILE A 81 -2.79 -1.37 14.77
N HIS A 82 -2.23 -2.35 14.07
CA HIS A 82 -2.07 -3.70 14.63
C HIS A 82 -1.35 -3.63 15.98
N ASP A 83 -1.88 -4.30 17.00
CA ASP A 83 -1.33 -4.16 18.35
CA ASP A 83 -1.34 -4.20 18.38
C ASP A 83 0.06 -4.79 18.54
N GLN A 84 0.50 -5.59 17.57
CA GLN A 84 1.83 -6.20 17.58
C GLN A 84 2.86 -5.39 16.78
N TYR A 85 2.40 -4.34 16.10
CA TYR A 85 3.28 -3.52 15.29
C TYR A 85 4.29 -2.76 16.15
N LYS A 86 5.57 -2.86 15.80
CA LYS A 86 6.63 -2.04 16.40
C LYS A 86 7.34 -1.25 15.32
N MET A 87 7.77 -1.93 14.26
CA MET A 87 8.28 -1.24 13.07
C MET A 87 8.19 -2.10 11.83
N ALA A 88 8.29 -1.44 10.69
CA ALA A 88 8.11 -2.09 9.39
C ALA A 88 8.96 -3.35 9.27
N GLU A 89 10.24 -3.24 9.64
CA GLU A 89 11.18 -4.33 9.42
C GLU A 89 10.92 -5.55 10.30
N SER A 90 10.11 -5.39 11.35
CA SER A 90 9.69 -6.49 12.22
C SER A 90 8.34 -7.10 11.88
N GLY A 91 7.67 -6.57 10.87
CA GLY A 91 6.38 -7.10 10.46
C GLY A 91 5.22 -6.41 11.13
N TYR A 92 4.04 -7.00 10.97
CA TYR A 92 2.78 -6.42 11.46
C TYR A 92 2.53 -4.99 10.96
N ASP A 93 3.06 -4.68 9.78
CA ASP A 93 2.98 -3.33 9.22
C ASP A 93 1.67 -3.19 8.47
N ILE A 94 0.62 -3.07 9.26
CA ILE A 94 -0.74 -3.02 8.75
C ILE A 94 -1.60 -2.13 9.65
N ALA A 95 -2.44 -1.33 8.99
CA ALA A 95 -3.38 -0.45 9.67
C ALA A 95 -4.64 -0.23 8.85
N LEU A 96 -5.72 0.07 9.56
CA LEU A 96 -6.99 0.44 8.96
C LEU A 96 -7.32 1.89 9.26
N LEU A 97 -7.85 2.59 8.26
CA LEU A 97 -8.47 3.90 8.47
C LEU A 97 -9.96 3.72 8.33
N LYS A 98 -10.68 4.05 9.39
CA LYS A 98 -12.14 4.14 9.33
C LYS A 98 -12.51 5.55 8.93
N LEU A 99 -13.20 5.67 7.80
CA LEU A 99 -13.57 6.99 7.26
C LEU A 99 -14.79 7.58 7.96
N GLU A 100 -14.86 8.91 7.96
CA GLU A 100 -15.96 9.65 8.59
C GLU A 100 -17.25 9.49 7.78
N THR A 101 -17.11 9.33 6.47
CA THR A 101 -18.24 9.15 5.58
C THR A 101 -17.96 7.95 4.67
N THR A 102 -18.99 7.48 3.97
CA THR A 102 -18.83 6.29 3.13
C THR A 102 -18.51 6.66 1.68
N VAL A 103 -17.70 5.82 1.05
CA VAL A 103 -17.34 6.02 -0.35
C VAL A 103 -18.49 5.54 -1.23
N ASN A 104 -18.95 6.40 -2.14
CA ASN A 104 -19.89 5.98 -3.17
C ASN A 104 -19.09 5.43 -4.33
N TYR A 105 -19.21 4.13 -4.56
CA TYR A 105 -18.40 3.49 -5.56
C TYR A 105 -18.77 3.94 -6.98
N ALA A 106 -17.76 3.96 -7.84
CA ALA A 106 -17.90 4.38 -9.23
C ALA A 106 -16.71 3.81 -10.00
N ASP A 107 -16.69 4.03 -11.30
CA ASP A 107 -15.59 3.50 -12.12
C ASP A 107 -14.20 3.99 -11.62
N SER A 108 -14.15 5.18 -11.02
CA SER A 108 -12.88 5.74 -10.54
C SER A 108 -12.54 5.39 -9.09
N GLN A 109 -13.46 4.77 -8.37
CA GLN A 109 -13.23 4.45 -6.96
C GLN A 109 -14.08 3.26 -6.50
N ARG A 110 -13.43 2.14 -6.25
CA ARG A 110 -14.13 0.92 -5.84
C ARG A 110 -13.15 0.03 -5.07
N PRO A 111 -13.67 -0.94 -4.30
CA PRO A 111 -12.81 -1.72 -3.42
C PRO A 111 -12.11 -2.87 -4.12
N ILE A 112 -10.94 -3.23 -3.61
CA ILE A 112 -10.20 -4.37 -4.10
C ILE A 112 -10.50 -5.55 -3.18
N SER A 113 -10.68 -6.73 -3.77
CA SER A 113 -10.93 -7.94 -3.00
C SER A 113 -9.69 -8.38 -2.22
N LEU A 114 -9.93 -8.88 -1.02
CA LEU A 114 -8.88 -9.45 -0.21
C LEU A 114 -8.55 -10.86 -0.71
N PRO A 115 -7.30 -11.30 -0.54
CA PRO A 115 -6.95 -12.66 -0.91
C PRO A 115 -7.68 -13.68 -0.03
N SER A 116 -7.91 -14.86 -0.58
CA SER A 116 -8.53 -15.96 0.15
CA SER A 116 -8.53 -15.94 0.19
C SER A 116 -7.45 -16.87 0.73
N LYS A 117 -7.69 -17.43 1.91
CA LYS A 117 -6.76 -18.38 2.51
C LYS A 117 -6.51 -19.56 1.56
N GLY A 118 -7.52 -19.90 0.76
CA GLY A 118 -7.39 -20.92 -0.28
C GLY A 118 -6.54 -20.54 -1.50
N ASP A 119 -6.21 -19.26 -1.62
CA ASP A 119 -5.32 -18.78 -2.67
C ASP A 119 -3.85 -18.77 -2.25
N ARG A 120 -3.58 -19.09 -0.99
CA ARG A 120 -2.19 -19.25 -0.50
C ARG A 120 -1.35 -20.16 -1.41
N ASN A 121 -2.00 -21.13 -2.04
CA ASN A 121 -1.34 -22.04 -2.99
C ASN A 121 -1.12 -21.45 -4.38
N VAL A 122 -1.86 -20.41 -4.73
CA VAL A 122 -1.78 -19.78 -6.05
C VAL A 122 -0.41 -19.15 -6.29
N ILE A 123 0.10 -19.33 -7.50
CA ILE A 123 1.27 -18.59 -7.97
C ILE A 123 0.76 -17.38 -8.74
N TYR A 124 0.81 -16.22 -8.10
CA TYR A 124 0.46 -14.96 -8.75
C TYR A 124 1.58 -14.57 -9.70
N THR A 125 1.23 -14.42 -10.98
CA THR A 125 2.21 -14.08 -12.03
C THR A 125 1.99 -12.71 -12.65
N ASP A 126 0.98 -11.98 -12.16
CA ASP A 126 0.61 -10.67 -12.71
C ASP A 126 0.40 -9.66 -11.59
N CYS A 127 1.51 -9.27 -10.96
CA CYS A 127 1.48 -8.38 -9.79
C CYS A 127 2.10 -7.04 -10.11
N TRP A 128 1.48 -5.98 -9.56
CA TRP A 128 1.87 -4.61 -9.84
C TRP A 128 1.95 -3.82 -8.54
N VAL A 129 3.00 -3.00 -8.41
CA VAL A 129 3.11 -2.05 -7.31
C VAL A 129 2.88 -0.64 -7.85
N THR A 130 2.13 0.16 -7.09
CA THR A 130 1.67 1.47 -7.55
C THR A 130 1.85 2.54 -6.50
N GLY A 131 2.10 3.78 -6.93
CA GLY A 131 2.13 4.90 -6.02
C GLY A 131 2.70 6.18 -6.58
N TRP A 132 2.66 7.23 -5.76
CA TRP A 132 3.21 8.54 -6.10
C TRP A 132 4.58 8.76 -5.44
N GLY A 133 5.22 7.67 -5.02
CA GLY A 133 6.50 7.79 -4.33
C GLY A 133 7.69 8.13 -5.19
N TYR A 134 8.84 8.22 -4.54
CA TYR A 134 10.11 8.57 -5.17
C TYR A 134 10.48 7.62 -6.31
N ARG A 135 11.18 8.17 -7.31
CA ARG A 135 11.72 7.37 -8.40
C ARG A 135 13.14 6.88 -8.10
N LYS A 136 13.69 7.36 -6.99
CA LYS A 136 15.01 6.93 -6.52
C LYS A 136 15.11 7.36 -5.06
N LEU A 137 16.12 6.84 -4.36
CA LEU A 137 16.18 6.96 -2.91
C LEU A 137 16.02 8.40 -2.43
N ARG A 138 16.80 9.30 -3.02
CA ARG A 138 16.69 10.72 -2.72
C ARG A 138 16.05 11.40 -3.92
N ASP A 139 14.76 11.65 -3.78
CA ASP A 139 13.95 12.22 -4.85
C ASP A 139 12.81 12.99 -4.20
N LYS A 140 11.64 12.97 -4.83
CA LYS A 140 10.46 13.63 -4.29
C LYS A 140 9.20 12.97 -4.80
N ILE A 141 8.08 13.39 -4.23
CA ILE A 141 6.76 12.87 -4.59
C ILE A 141 6.46 13.21 -6.05
N GLN A 142 5.93 12.22 -6.75
CA GLN A 142 5.63 12.33 -8.17
C GLN A 142 4.18 12.74 -8.41
N ASN A 143 3.95 13.46 -9.51
CA ASN A 143 2.61 13.97 -9.82
C ASN A 143 1.67 12.85 -10.26
N THR A 144 2.09 12.08 -11.27
CA THR A 144 1.26 11.04 -11.87
C THR A 144 1.48 9.68 -11.22
N LEU A 145 0.38 9.05 -10.80
CA LEU A 145 0.41 7.70 -10.23
C LEU A 145 1.18 6.72 -11.11
N GLN A 146 2.25 6.17 -10.56
CA GLN A 146 3.15 5.28 -11.30
C GLN A 146 2.81 3.83 -11.02
N LYS A 147 3.10 2.99 -12.01
CA LYS A 147 2.92 1.54 -11.90
C LYS A 147 4.15 0.78 -12.36
N ALA A 148 4.41 -0.35 -11.73
CA ALA A 148 5.49 -1.25 -12.13
C ALA A 148 5.05 -2.68 -11.90
N LYS A 149 5.28 -3.53 -12.90
CA LYS A 149 5.00 -4.95 -12.79
C LYS A 149 6.24 -5.63 -12.20
N ILE A 150 6.04 -6.35 -11.10
CA ILE A 150 7.16 -6.93 -10.35
C ILE A 150 6.84 -8.38 -9.97
N PRO A 151 7.77 -9.30 -10.21
CA PRO A 151 7.50 -10.69 -9.87
C PRO A 151 7.67 -10.94 -8.38
N LEU A 152 6.77 -11.76 -7.82
CA LEU A 152 6.97 -12.25 -6.47
C LEU A 152 8.21 -13.13 -6.40
N VAL A 153 8.91 -13.06 -5.28
CA VAL A 153 9.99 -14.01 -4.99
C VAL A 153 9.60 -14.83 -3.77
N THR A 154 10.18 -16.02 -3.65
CA THR A 154 9.86 -16.89 -2.53
C THR A 154 10.41 -16.29 -1.26
N ASN A 155 9.81 -16.64 -0.13
CA ASN A 155 10.32 -16.19 1.17
C ASN A 155 11.72 -16.74 1.45
N GLU A 156 11.99 -17.94 0.96
CA GLU A 156 13.33 -18.53 1.08
C GLU A 156 14.37 -17.67 0.37
N GLU A 157 14.06 -17.29 -0.86
CA GLU A 157 14.92 -16.39 -1.64
C GLU A 157 15.05 -15.02 -0.98
N CYS A 158 13.93 -14.48 -0.50
CA CYS A 158 13.96 -13.17 0.15
C CYS A 158 14.85 -13.18 1.38
N GLN A 159 14.80 -14.25 2.16
CA GLN A 159 15.62 -14.40 3.36
C GLN A 159 17.12 -14.38 3.01
N LYS A 160 17.48 -14.99 1.88
CA LYS A 160 18.86 -14.95 1.39
C LYS A 160 19.39 -13.54 1.18
N ARG A 161 18.50 -12.64 0.75
CA ARG A 161 18.87 -11.27 0.42
C ARG A 161 18.86 -10.32 1.63
N TYR A 162 18.25 -10.75 2.72
CA TYR A 162 18.15 -9.96 3.95
C TYR A 162 18.65 -10.77 5.15
N ARG A 163 19.96 -11.02 5.18
CA ARG A 163 20.58 -11.91 6.18
C ARG A 163 20.57 -11.35 7.59
N GLY A 164 20.47 -10.03 7.72
CA GLY A 164 20.34 -9.40 9.04
C GLY A 164 18.91 -9.25 9.55
N HIS A 165 17.94 -9.77 8.79
CA HIS A 165 16.52 -9.71 9.16
C HIS A 165 15.91 -11.09 9.27
N LYS A 166 14.76 -11.15 9.93
CA LYS A 166 13.91 -12.33 9.86
C LYS A 166 12.76 -12.04 8.90
N ILE A 167 12.81 -12.63 7.71
CA ILE A 167 11.72 -12.51 6.74
C ILE A 167 10.71 -13.61 7.08
N THR A 168 9.56 -13.19 7.61
CA THR A 168 8.56 -14.11 8.16
C THR A 168 7.52 -14.47 7.12
N HIS A 169 6.72 -15.48 7.43
CA HIS A 169 5.60 -15.87 6.57
C HIS A 169 4.48 -14.83 6.54
N LYS A 170 4.55 -13.83 7.42
CA LYS A 170 3.61 -12.69 7.39
C LYS A 170 4.11 -11.55 6.48
N MET A 171 5.24 -11.79 5.82
CA MET A 171 5.77 -10.90 4.80
C MET A 171 5.77 -11.59 3.45
N ILE A 172 5.73 -10.79 2.40
CA ILE A 172 5.89 -11.29 1.05
C ILE A 172 6.83 -10.32 0.32
N CYS A 173 7.70 -10.87 -0.51
CA CYS A 173 8.68 -10.08 -1.22
C CYS A 173 8.45 -10.10 -2.72
N ALA A 174 8.88 -9.04 -3.38
CA ALA A 174 8.78 -8.93 -4.83
C ALA A 174 9.93 -8.11 -5.38
N GLY A 175 10.48 -8.56 -6.50
CA GLY A 175 11.56 -7.81 -7.15
C GLY A 175 12.26 -8.62 -8.21
N TYR A 176 13.02 -7.92 -9.04
CA TYR A 176 13.92 -8.56 -10.00
C TYR A 176 15.29 -8.75 -9.38
N ARG A 177 15.94 -9.85 -9.71
CA ARG A 177 17.29 -10.14 -9.21
C ARG A 177 18.25 -9.00 -9.55
N GLU A 178 18.12 -8.47 -10.77
CA GLU A 178 18.91 -7.33 -11.26
C GLU A 178 18.41 -5.95 -10.79
N GLY A 179 17.31 -5.92 -10.04
CA GLY A 179 16.72 -4.68 -9.57
C GLY A 179 16.05 -3.91 -10.69
N GLY A 180 15.90 -2.60 -10.50
CA GLY A 180 15.39 -1.70 -11.54
C GLY A 180 13.94 -1.28 -11.40
N LYS A 181 13.13 -2.11 -10.75
CA LYS A 181 11.72 -1.81 -10.50
C LYS A 181 11.36 -2.18 -9.08
N ASP A 182 10.72 -1.26 -8.36
CA ASP A 182 10.48 -1.43 -6.92
C ASP A 182 9.64 -0.27 -6.40
N ALA A 183 9.06 -0.45 -5.21
CA ALA A 183 8.51 0.65 -4.44
C ALA A 183 9.65 1.49 -3.88
N CYS A 184 9.34 2.70 -3.45
CA CYS A 184 10.35 3.56 -2.82
C CYS A 184 9.68 4.46 -1.80
N LYS A 185 10.42 5.39 -1.20
CA LYS A 185 9.82 6.31 -0.23
CA LYS A 185 9.81 6.30 -0.22
C LYS A 185 8.54 6.98 -0.78
N GLY A 186 7.45 7.00 0.00
CA GLY A 186 6.19 7.61 -0.44
C GLY A 186 5.19 6.64 -1.04
N ASP A 187 5.66 5.43 -1.38
CA ASP A 187 4.77 4.37 -1.86
C ASP A 187 4.19 3.55 -0.70
N SER A 188 4.77 3.70 0.48
CA SER A 188 4.34 2.99 1.69
C SER A 188 2.84 2.99 1.87
N GLY A 189 2.29 1.85 2.23
CA GLY A 189 0.85 1.72 2.51
C GLY A 189 0.01 1.39 1.28
N GLY A 190 0.56 1.63 0.10
CA GLY A 190 -0.13 1.29 -1.15
C GLY A 190 -0.21 -0.21 -1.39
N PRO A 191 -0.94 -0.61 -2.44
CA PRO A 191 -1.13 -2.01 -2.77
C PRO A 191 -0.01 -2.63 -3.59
N LEU A 192 0.15 -3.93 -3.37
CA LEU A 192 0.74 -4.84 -4.32
C LEU A 192 -0.47 -5.64 -4.79
N SER A 193 -0.91 -5.33 -6.01
CA SER A 193 -2.15 -5.86 -6.57
C SER A 193 -1.82 -6.93 -7.59
N CYS A 194 -2.43 -8.11 -7.45
CA CYS A 194 -2.20 -9.21 -8.40
C CYS A 194 -3.52 -9.64 -9.03
N LYS A 195 -3.52 -9.74 -10.36
CA LYS A 195 -4.72 -10.15 -11.10
C LYS A 195 -4.65 -11.65 -11.33
N HIS A 196 -5.66 -12.35 -10.85
CA HIS A 196 -5.73 -13.80 -10.95
C HIS A 196 -7.15 -14.23 -11.25
N ASN A 197 -7.32 -15.01 -12.31
CA ASN A 197 -8.65 -15.42 -12.79
C ASN A 197 -9.57 -14.22 -12.95
N GLU A 198 -9.06 -13.22 -13.66
CA GLU A 198 -9.77 -11.97 -13.98
C GLU A 198 -10.23 -11.12 -12.79
N VAL A 199 -9.67 -11.36 -11.61
CA VAL A 199 -10.02 -10.59 -10.40
C VAL A 199 -8.73 -10.03 -9.79
N TRP A 200 -8.77 -8.76 -9.39
CA TRP A 200 -7.62 -8.14 -8.72
C TRP A 200 -7.69 -8.47 -7.24
N HIS A 201 -6.56 -8.91 -6.69
CA HIS A 201 -6.47 -9.27 -5.28
C HIS A 201 -5.42 -8.41 -4.60
N LEU A 202 -5.73 -7.96 -3.39
CA LEU A 202 -4.78 -7.18 -2.58
C LEU A 202 -3.82 -8.12 -1.86
N VAL A 203 -2.73 -8.48 -2.52
CA VAL A 203 -1.80 -9.49 -2.02
C VAL A 203 -0.85 -8.92 -0.97
N GLY A 204 -0.36 -7.71 -1.22
CA GLY A 204 0.57 -7.05 -0.32
C GLY A 204 0.29 -5.59 -0.03
N ILE A 205 0.91 -5.11 1.04
CA ILE A 205 0.98 -3.69 1.38
C ILE A 205 2.44 -3.29 1.38
N THR A 206 2.77 -2.28 0.59
CA THR A 206 4.14 -1.75 0.51
C THR A 206 4.66 -1.34 1.88
N SER A 207 5.81 -1.89 2.28
CA SER A 207 6.26 -1.80 3.66
C SER A 207 7.68 -1.25 3.78
N TRP A 208 8.66 -1.96 3.22
CA TRP A 208 10.06 -1.55 3.34
C TRP A 208 10.98 -2.24 2.34
N GLY A 209 12.20 -1.74 2.26
CA GLY A 209 13.28 -2.41 1.54
C GLY A 209 14.59 -1.72 1.85
N GLU A 210 15.72 -2.37 1.57
CA GLU A 210 17.00 -1.68 1.69
C GLU A 210 17.31 -0.95 0.39
N GLY A 211 17.16 0.36 0.41
CA GLY A 211 17.20 1.16 -0.80
C GLY A 211 15.97 0.91 -1.66
N CYS A 212 16.02 1.38 -2.90
CA CYS A 212 14.90 1.19 -3.83
C CYS A 212 15.40 0.58 -5.11
N ALA A 213 14.86 -0.60 -5.45
CA ALA A 213 15.14 -1.26 -6.73
C ALA A 213 16.59 -1.70 -6.90
N GLN A 214 17.29 -1.90 -5.79
CA GLN A 214 18.68 -2.35 -5.87
C GLN A 214 18.74 -3.81 -6.27
N ARG A 215 19.81 -4.21 -6.95
CA ARG A 215 20.05 -5.61 -7.28
CA ARG A 215 19.99 -5.61 -7.27
C ARG A 215 20.08 -6.43 -5.97
N GLU A 216 19.48 -7.62 -6.00
CA GLU A 216 19.47 -8.54 -4.85
C GLU A 216 18.87 -7.97 -3.56
N ARG A 217 17.93 -7.04 -3.69
CA ARG A 217 17.21 -6.48 -2.56
C ARG A 217 15.73 -6.36 -2.92
N PRO A 218 14.98 -7.48 -2.84
CA PRO A 218 13.55 -7.43 -3.11
C PRO A 218 12.84 -6.45 -2.18
N GLY A 219 11.78 -5.82 -2.70
CA GLY A 219 10.89 -5.04 -1.85
C GLY A 219 10.15 -5.99 -0.92
N VAL A 220 9.88 -5.51 0.30
CA VAL A 220 9.18 -6.31 1.29
C VAL A 220 7.79 -5.71 1.53
N TYR A 221 6.80 -6.59 1.58
CA TYR A 221 5.40 -6.20 1.67
C TYR A 221 4.72 -6.98 2.79
N THR A 222 3.69 -6.39 3.37
CA THR A 222 2.87 -7.10 4.34
C THR A 222 2.08 -8.17 3.59
N ASN A 223 2.10 -9.41 4.11
CA ASN A 223 1.38 -10.52 3.46
C ASN A 223 -0.08 -10.50 3.89
N VAL A 224 -0.90 -9.86 3.09
CA VAL A 224 -2.26 -9.50 3.51
C VAL A 224 -3.10 -10.71 3.93
N VAL A 225 -2.91 -11.85 3.26
CA VAL A 225 -3.74 -13.04 3.54
C VAL A 225 -3.58 -13.50 4.98
N GLU A 226 -2.42 -13.21 5.58
CA GLU A 226 -2.18 -13.55 7.00
C GLU A 226 -2.95 -12.67 7.98
N TYR A 227 -3.65 -11.67 7.46
CA TYR A 227 -4.36 -10.70 8.29
C TYR A 227 -5.86 -10.63 7.98
N VAL A 228 -6.38 -11.57 7.18
CA VAL A 228 -7.81 -11.51 6.86
C VAL A 228 -8.69 -11.69 8.10
N ASP A 229 -8.27 -12.52 9.05
CA ASP A 229 -9.01 -12.63 10.32
C ASP A 229 -8.98 -11.33 11.11
N TRP A 230 -7.81 -10.70 11.18
CA TRP A 230 -7.65 -9.42 11.87
C TRP A 230 -8.51 -8.34 11.23
N ILE A 231 -8.48 -8.26 9.90
CA ILE A 231 -9.28 -7.26 9.17
C ILE A 231 -10.77 -7.45 9.48
N LEU A 232 -11.22 -8.70 9.47
CA LEU A 232 -12.63 -8.98 9.77
C LEU A 232 -12.98 -8.52 11.18
N GLU A 233 -12.15 -8.92 12.14
CA GLU A 233 -12.31 -8.55 13.54
C GLU A 233 -12.43 -7.03 13.70
N LYS A 234 -11.53 -6.28 13.06
CA LYS A 234 -11.43 -4.84 13.28
C LYS A 234 -12.48 -4.02 12.52
N THR A 235 -13.05 -4.59 11.47
CA THR A 235 -14.01 -3.85 10.64
C THR A 235 -15.48 -4.12 11.01
N GLN A 236 -15.71 -4.88 12.09
CA GLN A 236 -17.08 -5.06 12.63
C GLN A 236 -17.52 -3.84 13.42
N ALA A 237 -18.82 -3.58 13.42
CA ALA A 237 -19.39 -2.48 14.21
C ALA A 237 -19.29 -2.81 15.70
N VAL A 238 -19.13 -1.74 16.50
CA VAL A 238 -19.03 -1.80 17.98
C VAL A 238 -18.82 -3.21 18.54
C1 OTW B . 8.54 1.92 1.31
C2 OTW B . 9.89 1.56 0.80
C3 OTW B . 9.99 0.43 0.02
C4 OTW B . 11.22 0.06 -0.47
N5 OTW B . 12.32 0.74 -0.22
C6 OTW B . 12.23 1.85 0.54
C7 OTW B . 11.04 2.29 1.07
C8 OTW B . 10.99 3.44 1.85
C9 OTW B . 12.15 4.16 2.10
C10 OTW B . 13.33 3.72 1.57
C11 OTW B . 13.37 2.59 0.80
N12 OTW B . 12.13 5.31 2.89
N13 OTW B . 11.25 -1.10 -1.26
S SO4 C . 6.01 7.67 -18.37
O1 SO4 C . 5.51 7.54 -16.99
O2 SO4 C . 5.47 8.90 -18.97
O3 SO4 C . 7.48 7.75 -18.34
O4 SO4 C . 5.60 6.49 -19.17
S SO4 D . -7.24 -4.19 -15.93
O1 SO4 D . -8.29 -4.69 -15.01
O2 SO4 D . -7.86 -3.82 -17.23
O3 SO4 D . -6.63 -2.99 -15.35
O4 SO4 D . -6.23 -5.25 -16.13
S SO4 E . -4.99 -20.55 9.33
O1 SO4 E . -5.91 -21.41 10.10
O2 SO4 E . -5.54 -19.18 9.26
O3 SO4 E . -3.67 -20.52 9.96
O4 SO4 E . -4.87 -21.09 7.95
S SO4 F . -3.91 -11.48 14.42
O1 SO4 F . -4.52 -10.47 15.29
O2 SO4 F . -2.93 -10.87 13.50
O3 SO4 F . -3.22 -12.46 15.28
O4 SO4 F . -4.97 -12.17 13.66
S SO4 G . 7.91 6.22 3.62
O1 SO4 G . 7.01 5.77 4.70
O2 SO4 G . 7.63 7.63 3.33
O3 SO4 G . 9.32 6.09 4.06
O4 SO4 G . 7.69 5.42 2.40
S SO4 H . 14.58 12.75 1.60
O1 SO4 H . 14.32 11.30 1.72
O2 SO4 H . 13.33 13.48 1.91
O3 SO4 H . 15.62 13.16 2.55
O4 SO4 H . 15.03 13.05 0.21
#